data_9NNM
#
_entry.id   9NNM
#
_cell.length_a   58.729
_cell.length_b   63.853
_cell.length_c   124.763
_cell.angle_alpha   90.00
_cell.angle_beta   90.00
_cell.angle_gamma   90.00
#
_symmetry.space_group_name_H-M   'P 21 21 21'
#
loop_
_entity.id
_entity.type
_entity.pdbx_description
1 polymer 'Cholesterol 24-hydroxylase'
2 non-polymer 'PROTOPORPHYRIN IX CONTAINING FE'
3 non-polymer 3-chloro-N-[(3M)-3-(1,3-oxazol-5-yl)-5-(trifluoromethyl)phenyl]benzamide
4 water water
#
_entity_poly.entity_id   1
_entity_poly.type   'polypeptide(L)'
_entity_poly.pdbx_seq_one_letter_code
;MHHHHHHSRYEHIPGPPRPSFLLGHLPCFWKKDEVGGRVLQDVFLDWAKKYGPVVRVNVFHKTSVIVTSPESVKKFLMST
KYNKDSKMYRALQTVFGERLFGQGLVSECNYERWHKQRRVIDLAFSRSSLVSLMETFNEKAEQLVEILEAKADGQTPVSM
QDMLTYTAMDILAKAAFGMETSMLLGAQKPLSQAVKLMLEGITASRNTLAKFLPGKRKQLREVRESIRFLRQVGRDWVQR
RREALKRGEEVPADILTQILKAEEGAQDDEGLLDNFVTFFIAGHETSANHLAFTVMELSRQPEIVARLQAEVDEVIGSKR
YLDFEDLGRLQYLSQVLKESLRLYPPAWGTFRLLEEETLIDGVRVPGNTPLLFSTYVMGRMDTYFEDPLTFNPDRFGPGA
PKPRFTYFPFSLGHRSCIGQQFAQMEVKVVMAKLLQRLEFRLVPGQRFGLQEQATLKPLDPVLCTLRPRGWQPA
;
_entity_poly.pdbx_strand_id   A
#
loop_
_chem_comp.id
_chem_comp.type
_chem_comp.name
_chem_comp.formula
A1BZA non-polymer 3-chloro-N-[(3M)-3-(1,3-oxazol-5-yl)-5-(trifluoromethyl)phenyl]benzamide 'C17 H10 Cl F3 N2 O2'
HEM non-polymer 'PROTOPORPHYRIN IX CONTAINING FE' 'C34 H32 Fe N4 O4'
#
# COMPACT_ATOMS: atom_id res chain seq x y z
N HIS A 7 33.20 -22.02 -5.01
CA HIS A 7 32.34 -21.04 -5.73
C HIS A 7 30.88 -21.22 -5.34
N SER A 8 30.28 -20.14 -4.85
CA SER A 8 28.85 -20.02 -4.62
C SER A 8 28.09 -20.45 -5.87
N ARG A 9 26.87 -20.97 -5.66
CA ARG A 9 26.05 -21.42 -6.78
C ARG A 9 25.56 -20.20 -7.59
N TYR A 10 25.79 -18.99 -7.05
CA TYR A 10 25.27 -17.77 -7.64
C TYR A 10 26.40 -16.86 -8.14
N GLU A 11 27.66 -17.24 -7.91
CA GLU A 11 28.80 -16.35 -8.08
C GLU A 11 28.93 -15.88 -9.53
N HIS A 12 28.45 -16.69 -10.48
CA HIS A 12 28.58 -16.41 -11.90
C HIS A 12 27.61 -15.33 -12.37
N ILE A 13 26.55 -15.06 -11.57
CA ILE A 13 25.53 -14.10 -11.96
C ILE A 13 26.10 -12.69 -11.80
N PRO A 14 25.80 -11.75 -12.74
CA PRO A 14 26.27 -10.37 -12.63
C PRO A 14 25.83 -9.75 -11.30
N GLY A 15 26.71 -8.93 -10.72
CA GLY A 15 26.38 -8.24 -9.49
C GLY A 15 27.60 -7.60 -8.84
N PRO A 16 27.44 -6.92 -7.68
CA PRO A 16 28.53 -6.20 -7.04
C PRO A 16 29.49 -7.17 -6.34
N PRO A 17 30.82 -6.88 -6.33
CA PRO A 17 31.81 -7.74 -5.67
C PRO A 17 32.03 -7.36 -4.20
N GLY A 37 17.48 9.87 3.25
CA GLY A 37 16.29 9.70 2.38
C GLY A 37 16.52 8.66 1.29
N ARG A 38 17.59 7.88 1.44
CA ARG A 38 17.98 6.84 0.49
C ARG A 38 17.67 5.47 1.08
N VAL A 39 17.21 4.54 0.23
CA VAL A 39 16.74 3.23 0.68
C VAL A 39 17.49 2.14 -0.09
N LEU A 40 17.33 0.89 0.37
CA LEU A 40 17.98 -0.26 -0.24
C LEU A 40 17.54 -0.39 -1.70
N GLN A 41 16.28 -0.04 -1.99
CA GLN A 41 15.75 -0.08 -3.34
C GLN A 41 16.58 0.79 -4.28
N ASP A 42 17.18 1.86 -3.75
CA ASP A 42 18.01 2.76 -4.56
C ASP A 42 19.32 2.08 -4.93
N VAL A 43 19.85 1.28 -3.99
CA VAL A 43 21.06 0.52 -4.25
C VAL A 43 20.76 -0.52 -5.34
N PHE A 44 19.57 -1.14 -5.26
CA PHE A 44 19.14 -2.13 -6.24
C PHE A 44 19.04 -1.49 -7.63
N LEU A 45 18.54 -0.25 -7.68
CA LEU A 45 18.38 0.48 -8.92
C LEU A 45 19.75 0.72 -9.57
N ASP A 46 20.71 1.20 -8.77
CA ASP A 46 22.07 1.42 -9.24
C ASP A 46 22.64 0.13 -9.82
N TRP A 47 22.38 -0.99 -9.14
CA TRP A 47 22.94 -2.27 -9.57
C TRP A 47 22.26 -2.77 -10.85
N ALA A 48 20.95 -2.53 -10.96
CA ALA A 48 20.21 -2.93 -12.16
C ALA A 48 20.74 -2.16 -13.38
N LYS A 49 21.03 -0.86 -13.19
CA LYS A 49 21.53 -0.04 -14.28
C LYS A 49 22.94 -0.49 -14.68
N LYS A 50 23.74 -0.87 -13.68
CA LYS A 50 25.14 -1.18 -13.90
C LYS A 50 25.29 -2.61 -14.44
N TYR A 51 24.56 -3.56 -13.85
CA TYR A 51 24.85 -4.98 -14.04
C TYR A 51 23.82 -5.67 -14.94
N GLY A 52 22.69 -4.99 -15.22
CA GLY A 52 21.77 -5.48 -16.22
C GLY A 52 20.50 -6.10 -15.64
N PRO A 53 19.74 -6.87 -16.43
CA PRO A 53 18.39 -7.31 -16.04
C PRO A 53 18.31 -8.49 -15.06
N VAL A 54 19.45 -9.13 -14.76
CA VAL A 54 19.50 -10.22 -13.81
C VAL A 54 20.72 -10.03 -12.90
N VAL A 55 20.46 -9.70 -11.63
CA VAL A 55 21.53 -9.29 -10.73
C VAL A 55 21.39 -10.03 -9.40
N ARG A 56 22.51 -10.57 -8.90
CA ARG A 56 22.52 -11.22 -7.60
C ARG A 56 22.66 -10.18 -6.50
N VAL A 57 21.84 -10.31 -5.46
CA VAL A 57 21.91 -9.47 -4.28
C VAL A 57 21.89 -10.36 -3.05
N ASN A 58 22.62 -9.95 -2.00
CA ASN A 58 22.75 -10.79 -0.82
C ASN A 58 22.17 -10.04 0.40
N LYS A 62 19.71 -13.74 2.85
CA LYS A 62 19.57 -14.70 1.72
C LYS A 62 20.08 -14.07 0.42
N THR A 63 20.52 -14.91 -0.50
CA THR A 63 20.81 -14.47 -1.86
C THR A 63 19.54 -14.53 -2.69
N SER A 64 19.20 -13.41 -3.31
CA SER A 64 18.10 -13.35 -4.26
CA SER A 64 18.10 -13.29 -4.24
C SER A 64 18.64 -12.82 -5.59
N VAL A 65 17.80 -12.93 -6.63
CA VAL A 65 18.18 -12.45 -7.94
C VAL A 65 17.12 -11.44 -8.38
N ILE A 66 17.54 -10.19 -8.60
CA ILE A 66 16.61 -9.15 -9.02
C ILE A 66 16.50 -9.20 -10.55
N VAL A 67 15.26 -9.33 -11.02
CA VAL A 67 14.94 -9.50 -12.42
CA VAL A 67 14.97 -9.48 -12.43
C VAL A 67 14.13 -8.28 -12.87
N THR A 68 14.65 -7.52 -13.84
CA THR A 68 14.05 -6.24 -14.18
C THR A 68 13.72 -6.08 -15.66
N SER A 69 13.70 -7.18 -16.43
CA SER A 69 13.19 -7.08 -17.80
C SER A 69 11.68 -7.25 -17.79
N PRO A 70 10.93 -6.53 -18.66
CA PRO A 70 9.48 -6.73 -18.76
C PRO A 70 9.12 -8.14 -19.24
N GLU A 71 10.03 -8.78 -20.00
CA GLU A 71 9.84 -10.16 -20.41
C GLU A 71 9.77 -11.07 -19.16
N SER A 72 10.64 -10.80 -18.19
CA SER A 72 10.66 -11.57 -16.95
C SER A 72 9.43 -11.29 -16.11
N VAL A 73 9.05 -10.01 -16.01
CA VAL A 73 7.88 -9.63 -15.25
C VAL A 73 6.67 -10.41 -15.77
N LYS A 74 6.51 -10.42 -17.09
CA LYS A 74 5.39 -11.09 -17.73
C LYS A 74 5.46 -12.60 -17.47
N LYS A 75 6.63 -13.20 -17.69
CA LYS A 75 6.79 -14.64 -17.60
C LYS A 75 6.41 -15.14 -16.20
N PHE A 76 6.92 -14.46 -15.17
CA PHE A 76 6.86 -14.99 -13.82
C PHE A 76 5.62 -14.52 -13.06
N LEU A 77 5.17 -13.28 -13.29
CA LEU A 77 4.05 -12.80 -12.49
C LEU A 77 2.73 -13.25 -13.08
N MET A 78 2.69 -13.53 -14.39
CA MET A 78 1.41 -13.80 -15.04
C MET A 78 1.13 -15.30 -15.13
N SER A 79 1.80 -16.13 -14.33
CA SER A 79 1.56 -17.56 -14.35
C SER A 79 1.39 -18.13 -12.94
N THR A 80 0.36 -18.98 -12.76
CA THR A 80 0.14 -19.69 -11.52
C THR A 80 1.20 -20.77 -11.31
N LYS A 81 2.08 -20.97 -12.30
CA LYS A 81 3.18 -21.92 -12.18
C LYS A 81 4.20 -21.40 -11.15
N TYR A 82 4.31 -20.08 -11.04
CA TYR A 82 5.27 -19.44 -10.15
C TYR A 82 4.55 -18.91 -8.93
N ASN A 83 5.01 -19.33 -7.74
CA ASN A 83 4.38 -18.99 -6.48
C ASN A 83 5.35 -18.16 -5.64
N LYS A 84 4.82 -17.51 -4.59
CA LYS A 84 5.65 -16.70 -3.71
C LYS A 84 6.64 -17.60 -2.98
N ASP A 85 7.81 -17.04 -2.67
CA ASP A 85 8.85 -17.73 -1.92
C ASP A 85 8.62 -17.48 -0.43
N SER A 86 8.25 -18.55 0.28
CA SER A 86 7.85 -18.46 1.67
C SER A 86 8.98 -17.92 2.55
N LYS A 87 10.23 -18.25 2.19
CA LYS A 87 11.36 -17.83 3.00
C LYS A 87 11.45 -16.30 3.03
N MET A 88 10.95 -15.65 1.98
CA MET A 88 11.08 -14.21 1.86
C MET A 88 9.91 -13.51 2.56
N TYR A 89 8.91 -14.28 3.00
CA TYR A 89 7.72 -13.73 3.63
C TYR A 89 7.67 -14.08 5.12
N ARG A 90 8.74 -14.71 5.62
CA ARG A 90 8.80 -15.19 6.99
C ARG A 90 8.66 -14.02 7.96
N ALA A 91 9.16 -12.84 7.57
CA ALA A 91 9.17 -11.64 8.40
C ALA A 91 7.77 -11.06 8.60
N LEU A 92 6.83 -11.38 7.70
CA LEU A 92 5.44 -10.99 7.87
C LEU A 92 4.69 -12.04 8.67
N GLN A 93 5.10 -13.31 8.53
CA GLN A 93 4.38 -14.41 9.16
C GLN A 93 4.52 -14.33 10.68
N THR A 94 5.77 -14.26 11.13
CA THR A 94 6.11 -14.29 12.55
C THR A 94 7.22 -13.27 12.80
N VAL A 95 7.11 -12.55 13.93
CA VAL A 95 8.13 -11.58 14.31
C VAL A 95 8.52 -11.84 15.76
N PHE A 96 9.80 -12.16 15.97
CA PHE A 96 10.36 -12.46 17.28
C PHE A 96 9.50 -13.48 18.02
N GLY A 97 9.07 -14.52 17.30
CA GLY A 97 8.34 -15.62 17.90
C GLY A 97 6.86 -15.32 18.11
N GLU A 98 6.40 -14.15 17.64
CA GLU A 98 5.01 -13.78 17.73
C GLU A 98 4.38 -13.79 16.34
N ARG A 99 3.35 -14.64 16.17
CA ARG A 99 2.57 -14.74 14.95
C ARG A 99 1.94 -13.39 14.63
N LEU A 100 2.17 -12.91 13.40
CA LEU A 100 1.69 -11.59 13.00
C LEU A 100 0.65 -11.74 11.89
N PHE A 101 1.09 -11.82 10.62
CA PHE A 101 0.18 -12.03 9.51
C PHE A 101 -0.03 -13.53 9.28
N GLY A 102 0.82 -14.35 9.92
CA GLY A 102 0.73 -15.79 9.83
C GLY A 102 0.52 -16.25 8.38
N GLN A 103 -0.56 -17.02 8.16
CA GLN A 103 -0.85 -17.57 6.86
C GLN A 103 -2.05 -16.85 6.23
N GLY A 104 -2.15 -15.54 6.50
CA GLY A 104 -3.17 -14.71 5.88
C GLY A 104 -2.90 -14.49 4.40
N LEU A 105 -3.72 -13.63 3.78
CA LEU A 105 -3.82 -13.59 2.32
C LEU A 105 -2.52 -13.12 1.68
N VAL A 106 -1.77 -12.22 2.35
CA VAL A 106 -0.53 -11.68 1.78
C VAL A 106 0.59 -12.72 1.90
N SER A 107 0.63 -13.40 3.04
CA SER A 107 1.83 -14.10 3.45
C SER A 107 1.73 -15.62 3.22
N GLU A 108 0.53 -16.10 2.88
CA GLU A 108 0.35 -17.51 2.50
C GLU A 108 0.99 -17.73 1.13
N CYS A 109 1.87 -18.74 1.03
CA CYS A 109 2.65 -18.95 -0.19
C CYS A 109 2.28 -20.27 -0.87
N ASN A 110 1.44 -21.09 -0.23
CA ASN A 110 0.94 -22.30 -0.87
C ASN A 110 -0.26 -21.93 -1.74
N TYR A 111 -0.17 -22.28 -3.02
CA TYR A 111 -1.16 -21.87 -4.02
C TYR A 111 -2.56 -22.27 -3.58
N GLU A 112 -2.76 -23.55 -3.24
CA GLU A 112 -4.11 -24.08 -2.99
C GLU A 112 -4.72 -23.46 -1.73
N ARG A 113 -3.89 -23.27 -0.69
CA ARG A 113 -4.32 -22.63 0.54
C ARG A 113 -4.70 -21.17 0.28
N TRP A 114 -3.85 -20.49 -0.50
CA TRP A 114 -4.10 -19.10 -0.86
C TRP A 114 -5.38 -18.97 -1.68
N HIS A 115 -5.55 -19.87 -2.66
CA HIS A 115 -6.61 -19.78 -3.66
C HIS A 115 -7.98 -19.90 -2.98
N LYS A 116 -8.07 -20.83 -2.01
CA LYS A 116 -9.28 -21.09 -1.26
C LYS A 116 -9.74 -19.81 -0.56
N GLN A 117 -8.80 -19.14 0.12
CA GLN A 117 -9.17 -17.96 0.90
C GLN A 117 -9.42 -16.78 -0.03
N ARG A 118 -8.63 -16.66 -1.11
CA ARG A 118 -8.76 -15.56 -2.04
C ARG A 118 -10.17 -15.51 -2.64
N ARG A 119 -10.67 -16.68 -3.09
CA ARG A 119 -11.96 -16.76 -3.76
C ARG A 119 -13.09 -16.33 -2.85
N VAL A 120 -12.99 -16.63 -1.55
CA VAL A 120 -14.03 -16.30 -0.58
C VAL A 120 -13.98 -14.80 -0.26
N ILE A 121 -12.77 -14.26 -0.05
CA ILE A 121 -12.62 -12.89 0.40
C ILE A 121 -12.91 -11.93 -0.77
N ASP A 122 -12.67 -12.40 -2.00
CA ASP A 122 -12.97 -11.66 -3.22
C ASP A 122 -14.40 -11.10 -3.22
N LEU A 123 -15.34 -11.81 -2.60
CA LEU A 123 -16.75 -11.44 -2.60
C LEU A 123 -16.95 -10.06 -1.98
N ALA A 124 -16.08 -9.70 -1.02
CA ALA A 124 -16.19 -8.44 -0.31
C ALA A 124 -15.59 -7.28 -1.13
N PHE A 125 -14.98 -7.60 -2.27
CA PHE A 125 -14.38 -6.58 -3.11
C PHE A 125 -15.06 -6.49 -4.47
N SER A 126 -16.29 -7.00 -4.56
CA SER A 126 -17.09 -6.87 -5.78
C SER A 126 -17.42 -5.41 -6.00
N ARG A 127 -17.74 -5.06 -7.26
CA ARG A 127 -18.17 -3.71 -7.62
C ARG A 127 -19.25 -3.23 -6.65
N SER A 128 -20.29 -4.03 -6.46
CA SER A 128 -21.41 -3.66 -5.61
C SER A 128 -20.97 -3.45 -4.16
N SER A 129 -20.04 -4.28 -3.68
CA SER A 129 -19.52 -4.17 -2.32
C SER A 129 -18.81 -2.82 -2.14
N LEU A 130 -18.02 -2.43 -3.15
CA LEU A 130 -17.18 -1.25 -3.02
C LEU A 130 -18.01 0.02 -3.16
N VAL A 131 -19.07 -0.04 -3.99
CA VAL A 131 -19.98 1.09 -4.15
C VAL A 131 -20.57 1.47 -2.78
N SER A 132 -20.89 0.46 -1.97
CA SER A 132 -21.52 0.70 -0.67
C SER A 132 -20.57 1.41 0.30
N LEU A 133 -19.28 1.44 -0.02
CA LEU A 133 -18.28 1.96 0.90
C LEU A 133 -18.08 3.46 0.72
N MET A 134 -18.74 4.04 -0.30
CA MET A 134 -18.57 5.45 -0.64
C MET A 134 -18.98 6.33 0.54
N GLU A 135 -19.99 5.89 1.29
CA GLU A 135 -20.48 6.65 2.45
C GLU A 135 -19.36 6.80 3.47
N THR A 136 -18.68 5.70 3.79
CA THR A 136 -17.59 5.71 4.74
C THR A 136 -16.43 6.57 4.24
N PHE A 137 -16.07 6.41 2.96
CA PHE A 137 -14.96 7.15 2.39
C PHE A 137 -15.23 8.65 2.50
N ASN A 138 -16.47 9.04 2.16
CA ASN A 138 -16.88 10.44 2.19
C ASN A 138 -16.84 10.98 3.62
N GLU A 139 -17.36 10.20 4.58
CA GLU A 139 -17.51 10.69 5.93
C GLU A 139 -16.15 10.96 6.56
N LYS A 140 -15.20 10.04 6.35
CA LYS A 140 -13.89 10.18 6.97
C LYS A 140 -13.08 11.27 6.27
N ALA A 141 -13.23 11.39 4.95
CA ALA A 141 -12.54 12.43 4.20
C ALA A 141 -13.07 13.80 4.62
N GLU A 142 -14.39 13.89 4.83
CA GLU A 142 -14.98 15.15 5.25
C GLU A 142 -14.51 15.51 6.66
N GLN A 143 -14.41 14.53 7.54
CA GLN A 143 -13.94 14.77 8.90
C GLN A 143 -12.52 15.32 8.87
N LEU A 144 -11.65 14.70 8.06
CA LEU A 144 -10.27 15.16 7.91
C LEU A 144 -10.22 16.61 7.45
N VAL A 145 -10.95 16.93 6.37
CA VAL A 145 -10.91 18.26 5.78
CA VAL A 145 -10.87 18.26 5.80
C VAL A 145 -11.37 19.31 6.80
N GLU A 146 -12.42 18.99 7.57
CA GLU A 146 -12.93 19.92 8.56
C GLU A 146 -11.88 20.21 9.64
N ILE A 147 -11.18 19.16 10.06
CA ILE A 147 -10.12 19.29 11.05
C ILE A 147 -9.02 20.19 10.51
N LEU A 148 -8.65 19.98 9.23
CA LEU A 148 -7.57 20.72 8.60
C LEU A 148 -7.98 22.18 8.36
N GLU A 149 -9.25 22.40 7.99
CA GLU A 149 -9.72 23.75 7.69
C GLU A 149 -9.59 24.65 8.91
N ALA A 150 -9.82 24.10 10.11
CA ALA A 150 -9.74 24.88 11.35
C ALA A 150 -8.30 25.28 11.66
N LYS A 151 -7.32 24.65 11.00
CA LYS A 151 -5.91 24.92 11.23
C LYS A 151 -5.29 25.70 10.07
N ALA A 152 -6.12 26.18 9.13
CA ALA A 152 -5.59 26.70 7.88
C ALA A 152 -5.29 28.21 8.00
N ASP A 153 -4.33 28.53 8.87
CA ASP A 153 -3.98 29.91 9.22
C ASP A 153 -2.65 30.31 8.56
N GLY A 154 -2.13 29.44 7.69
CA GLY A 154 -0.88 29.66 6.97
C GLY A 154 0.36 29.67 7.86
N GLN A 155 0.25 29.12 9.07
CA GLN A 155 1.29 29.29 10.07
C GLN A 155 1.46 28.02 10.91
N THR A 156 0.34 27.39 11.28
CA THR A 156 0.36 26.21 12.12
C THR A 156 0.90 25.03 11.32
N PRO A 157 2.00 24.38 11.75
CA PRO A 157 2.51 23.20 11.03
C PRO A 157 1.63 21.98 11.30
N VAL A 158 1.30 21.26 10.24
CA VAL A 158 0.46 20.07 10.29
C VAL A 158 1.20 18.92 9.62
N SER A 159 1.36 17.81 10.34
CA SER A 159 1.94 16.62 9.73
C SER A 159 0.91 15.93 8.85
N MET A 160 1.07 16.05 7.53
CA MET A 160 0.12 15.44 6.63
C MET A 160 0.29 13.92 6.62
N GLN A 161 1.52 13.42 6.86
CA GLN A 161 1.72 11.98 6.99
C GLN A 161 0.84 11.43 8.10
N ASP A 162 0.90 12.07 9.29
CA ASP A 162 0.14 11.62 10.46
C ASP A 162 -1.36 11.68 10.18
N MET A 163 -1.83 12.83 9.69
CA MET A 163 -3.26 13.05 9.49
C MET A 163 -3.81 12.08 8.44
N LEU A 164 -3.03 11.81 7.39
CA LEU A 164 -3.50 10.92 6.34
C LEU A 164 -3.51 9.47 6.84
N THR A 165 -2.56 9.13 7.72
CA THR A 165 -2.51 7.81 8.33
C THR A 165 -3.74 7.56 9.20
N TYR A 166 -4.08 8.57 10.02
CA TYR A 166 -5.24 8.49 10.90
C TYR A 166 -6.52 8.32 10.06
N THR A 167 -6.60 9.05 8.95
CA THR A 167 -7.77 8.99 8.08
C THR A 167 -7.87 7.60 7.47
N ALA A 168 -6.74 7.07 6.98
CA ALA A 168 -6.69 5.75 6.36
C ALA A 168 -7.09 4.67 7.37
N MET A 169 -6.59 4.79 8.59
CA MET A 169 -6.91 3.83 9.64
C MET A 169 -8.41 3.85 9.93
N ASP A 170 -8.97 5.05 10.12
CA ASP A 170 -10.37 5.22 10.45
C ASP A 170 -11.25 4.68 9.34
N ILE A 171 -10.87 4.96 8.07
CA ILE A 171 -11.59 4.42 6.93
C ILE A 171 -11.57 2.88 6.99
N LEU A 172 -10.39 2.29 7.12
CA LEU A 172 -10.26 0.83 7.06
C LEU A 172 -11.10 0.18 8.15
N ALA A 173 -10.95 0.66 9.39
CA ALA A 173 -11.60 0.04 10.54
C ALA A 173 -13.12 0.01 10.34
N LYS A 174 -13.67 1.12 9.83
CA LYS A 174 -15.11 1.26 9.67
C LYS A 174 -15.59 0.42 8.48
N ALA A 175 -14.92 0.56 7.33
CA ALA A 175 -15.32 -0.09 6.10
C ALA A 175 -15.21 -1.61 6.20
N ALA A 176 -14.13 -2.10 6.79
CA ALA A 176 -13.81 -3.52 6.76
C ALA A 176 -14.44 -4.27 7.94
N PHE A 177 -14.54 -3.59 9.10
CA PHE A 177 -14.85 -4.26 10.36
C PHE A 177 -16.09 -3.68 11.03
N GLY A 178 -16.55 -2.50 10.60
CA GLY A 178 -17.65 -1.81 11.26
C GLY A 178 -17.25 -1.23 12.62
N MET A 179 -15.96 -0.89 12.75
CA MET A 179 -15.34 -0.48 14.00
C MET A 179 -14.94 0.99 13.88
N GLU A 180 -15.10 1.76 14.97
CA GLU A 180 -14.74 3.18 14.97
C GLU A 180 -13.45 3.38 15.77
N THR A 181 -12.31 3.50 15.08
CA THR A 181 -11.03 3.74 15.72
C THR A 181 -10.94 5.17 16.25
N SER A 182 -11.51 6.12 15.49
CA SER A 182 -11.59 7.53 15.86
C SER A 182 -10.20 8.13 16.06
N MET A 183 -9.22 7.68 15.27
CA MET A 183 -7.87 8.21 15.37
C MET A 183 -7.86 9.70 15.03
N LEU A 184 -8.77 10.14 14.16
CA LEU A 184 -8.89 11.54 13.78
C LEU A 184 -9.32 12.41 14.95
N LEU A 185 -9.93 11.79 15.98
CA LEU A 185 -10.35 12.50 17.18
C LEU A 185 -9.26 12.44 18.25
N GLY A 186 -8.14 11.79 17.91
CA GLY A 186 -7.02 11.63 18.82
C GLY A 186 -7.18 10.44 19.75
N ALA A 187 -8.09 9.52 19.39
CA ALA A 187 -8.37 8.34 20.19
C ALA A 187 -7.45 7.19 19.78
N GLN A 188 -7.38 6.17 20.65
CA GLN A 188 -6.70 4.90 20.40
C GLN A 188 -5.21 5.14 20.13
N LYS A 189 -4.56 5.90 21.01
CA LYS A 189 -3.13 6.17 20.90
C LYS A 189 -2.30 4.92 21.19
N PRO A 190 -2.72 4.04 22.14
CA PRO A 190 -2.05 2.74 22.32
C PRO A 190 -2.03 1.90 21.04
N LEU A 191 -3.19 1.83 20.34
CA LEU A 191 -3.29 1.09 19.09
C LEU A 191 -2.32 1.68 18.07
N SER A 192 -2.23 3.01 18.06
CA SER A 192 -1.35 3.76 17.17
C SER A 192 0.11 3.38 17.41
N GLN A 193 0.48 3.30 18.69
CA GLN A 193 1.84 2.98 19.12
C GLN A 193 2.16 1.53 18.74
N ALA A 194 1.16 0.64 18.90
CA ALA A 194 1.31 -0.78 18.61
C ALA A 194 1.60 -1.00 17.13
N VAL A 195 0.91 -0.26 16.26
CA VAL A 195 1.13 -0.37 14.83
C VAL A 195 2.57 0.04 14.51
N LYS A 196 3.01 1.16 15.09
CA LYS A 196 4.33 1.73 14.82
C LYS A 196 5.41 0.73 15.19
N LEU A 197 5.32 0.14 16.39
CA LEU A 197 6.35 -0.74 16.92
C LEU A 197 6.37 -2.05 16.14
N MET A 198 5.18 -2.47 15.67
CA MET A 198 5.06 -3.70 14.91
C MET A 198 5.78 -3.54 13.57
N LEU A 199 5.55 -2.39 12.91
CA LEU A 199 6.16 -2.10 11.63
C LEU A 199 7.69 -2.08 11.77
N GLU A 200 8.17 -1.54 12.90
CA GLU A 200 9.58 -1.51 13.23
C GLU A 200 10.11 -2.93 13.45
N GLY A 201 9.25 -3.81 13.96
CA GLY A 201 9.62 -5.19 14.24
C GLY A 201 9.85 -5.99 12.96
N ILE A 202 9.02 -5.74 11.95
CA ILE A 202 9.12 -6.41 10.66
C ILE A 202 10.51 -6.13 10.08
N THR A 203 10.95 -4.88 10.19
CA THR A 203 12.20 -4.39 9.60
C THR A 203 13.39 -4.97 10.37
N ALA A 204 13.30 -4.97 11.71
CA ALA A 204 14.38 -5.43 12.57
C ALA A 204 14.74 -6.88 12.26
N SER A 205 13.72 -7.75 12.22
CA SER A 205 13.91 -9.16 11.94
C SER A 205 14.12 -9.36 10.44
N LYS A 216 17.53 -4.01 22.02
CA LYS A 216 17.62 -5.49 21.98
C LYS A 216 16.64 -6.09 22.99
N ARG A 217 16.80 -5.68 24.26
CA ARG A 217 16.06 -6.22 25.38
C ARG A 217 14.65 -5.63 25.42
N LYS A 218 14.58 -4.29 25.48
CA LYS A 218 13.32 -3.57 25.64
C LYS A 218 12.55 -3.56 24.33
N GLN A 219 13.29 -3.62 23.21
CA GLN A 219 12.70 -3.53 21.88
C GLN A 219 11.89 -4.80 21.60
N LEU A 220 12.48 -5.96 21.92
CA LEU A 220 11.81 -7.24 21.76
C LEU A 220 10.51 -7.27 22.55
N ARG A 221 10.57 -6.76 23.80
CA ARG A 221 9.41 -6.72 24.68
C ARG A 221 8.30 -5.87 24.05
N GLU A 222 8.67 -4.69 23.57
CA GLU A 222 7.72 -3.72 23.02
C GLU A 222 7.10 -4.25 21.72
N VAL A 223 7.93 -4.90 20.90
CA VAL A 223 7.47 -5.43 19.62
C VAL A 223 6.50 -6.59 19.87
N ARG A 224 6.90 -7.53 20.74
CA ARG A 224 6.11 -8.72 21.01
C ARG A 224 4.74 -8.34 21.58
N GLU A 225 4.71 -7.38 22.51
CA GLU A 225 3.48 -7.01 23.18
C GLU A 225 2.54 -6.30 22.20
N SER A 226 3.12 -5.57 21.24
CA SER A 226 2.39 -4.83 20.24
C SER A 226 1.68 -5.78 19.27
N ILE A 227 2.37 -6.87 18.93
CA ILE A 227 1.80 -7.88 18.04
C ILE A 227 0.65 -8.59 18.75
N ARG A 228 0.86 -8.98 20.01
CA ARG A 228 -0.18 -9.64 20.77
C ARG A 228 -1.39 -8.71 20.95
N PHE A 229 -1.12 -7.42 21.09
CA PHE A 229 -2.17 -6.41 21.24
C PHE A 229 -3.06 -6.39 20.01
N LEU A 230 -2.45 -6.34 18.82
CA LEU A 230 -3.17 -6.28 17.56
C LEU A 230 -4.05 -7.52 17.40
N ARG A 231 -3.49 -8.70 17.69
CA ARG A 231 -4.25 -9.94 17.58
C ARG A 231 -5.40 -9.94 18.58
N GLN A 232 -5.17 -9.38 19.76
CA GLN A 232 -6.18 -9.29 20.81
C GLN A 232 -7.31 -8.36 20.37
N VAL A 233 -6.97 -7.26 19.70
CA VAL A 233 -7.96 -6.38 19.08
C VAL A 233 -8.89 -7.23 18.20
N GLY A 234 -8.29 -8.07 17.37
CA GLY A 234 -9.01 -8.99 16.49
C GLY A 234 -9.96 -9.90 17.26
N ARG A 235 -9.45 -10.56 18.31
CA ARG A 235 -10.22 -11.51 19.10
C ARG A 235 -11.42 -10.81 19.74
N ASP A 236 -11.18 -9.60 20.26
CA ASP A 236 -12.20 -8.81 20.92
C ASP A 236 -13.31 -8.49 19.93
N TRP A 237 -12.92 -8.02 18.74
CA TRP A 237 -13.88 -7.57 17.76
C TRP A 237 -14.68 -8.73 17.16
N VAL A 238 -14.00 -9.87 16.94
CA VAL A 238 -14.66 -11.05 16.39
C VAL A 238 -15.71 -11.55 17.37
N GLN A 239 -15.37 -11.49 18.67
CA GLN A 239 -16.29 -11.86 19.74
C GLN A 239 -17.53 -10.95 19.67
N ARG A 240 -17.30 -9.64 19.48
CA ARG A 240 -18.37 -8.66 19.39
C ARG A 240 -19.27 -8.94 18.18
N ARG A 241 -18.66 -9.29 17.05
CA ARG A 241 -19.37 -9.61 15.82
C ARG A 241 -20.29 -10.81 16.05
N ARG A 242 -19.73 -11.88 16.62
CA ARG A 242 -20.44 -13.13 16.84
C ARG A 242 -21.59 -12.93 17.82
N GLU A 243 -21.38 -12.09 18.85
CA GLU A 243 -22.41 -11.80 19.84
C GLU A 243 -23.54 -10.99 19.21
N ALA A 244 -23.19 -10.07 18.31
CA ALA A 244 -24.18 -9.26 17.61
C ALA A 244 -25.05 -10.15 16.73
N LEU A 245 -24.40 -11.10 16.03
CA LEU A 245 -25.07 -12.03 15.13
C LEU A 245 -26.06 -12.90 15.90
N LYS A 246 -25.67 -13.35 17.10
CA LYS A 246 -26.48 -14.22 17.93
C LYS A 246 -27.74 -13.51 18.41
N ARG A 247 -27.58 -12.25 18.82
CA ARG A 247 -28.69 -11.46 19.35
C ARG A 247 -29.60 -11.00 18.21
N GLY A 248 -29.18 -11.26 16.97
CA GLY A 248 -29.97 -10.94 15.80
C GLY A 248 -29.99 -9.44 15.50
N GLU A 249 -28.85 -8.79 15.74
CA GLU A 249 -28.70 -7.38 15.43
C GLU A 249 -28.22 -7.26 13.99
N GLU A 250 -28.35 -6.06 13.42
CA GLU A 250 -28.03 -5.84 12.01
C GLU A 250 -26.52 -5.70 11.84
N VAL A 251 -25.95 -6.57 11.00
CA VAL A 251 -24.54 -6.55 10.66
C VAL A 251 -24.40 -6.46 9.14
N PRO A 252 -24.11 -5.27 8.57
CA PRO A 252 -23.85 -5.14 7.13
C PRO A 252 -22.65 -6.00 6.70
N ALA A 253 -22.82 -6.74 5.60
CA ALA A 253 -21.77 -7.60 5.08
C ALA A 253 -20.54 -6.76 4.74
N ASP A 254 -19.37 -7.22 5.19
CA ASP A 254 -18.14 -6.49 5.01
C ASP A 254 -16.98 -7.48 4.82
N ILE A 255 -15.75 -6.95 4.84
CA ILE A 255 -14.57 -7.79 4.69
C ILE A 255 -14.55 -8.84 5.80
N LEU A 256 -14.88 -8.44 7.02
CA LEU A 256 -14.84 -9.35 8.16
C LEU A 256 -15.81 -10.52 7.94
N THR A 257 -16.97 -10.24 7.34
CA THR A 257 -17.94 -11.29 7.00
C THR A 257 -17.25 -12.41 6.22
N GLN A 258 -16.46 -12.03 5.21
CA GLN A 258 -15.83 -13.01 4.33
C GLN A 258 -14.62 -13.65 4.98
N ILE A 259 -13.91 -12.89 5.83
CA ILE A 259 -12.79 -13.43 6.60
C ILE A 259 -13.30 -14.56 7.50
N LEU A 260 -14.46 -14.34 8.14
CA LEU A 260 -15.11 -15.35 8.96
C LEU A 260 -15.52 -16.54 8.10
N LYS A 261 -16.09 -16.25 6.93
CA LYS A 261 -16.61 -17.28 6.02
C LYS A 261 -15.46 -18.21 5.59
N ALA A 262 -14.29 -17.62 5.35
CA ALA A 262 -13.13 -18.36 4.88
C ALA A 262 -12.66 -19.36 5.93
N GLU A 263 -13.05 -19.14 7.19
CA GLU A 263 -12.56 -19.95 8.30
C GLU A 263 -13.64 -20.92 8.78
N GLU A 264 -14.78 -20.96 8.10
CA GLU A 264 -15.85 -21.89 8.45
C GLU A 264 -15.28 -23.30 8.62
N GLY A 265 -15.44 -23.85 9.83
CA GLY A 265 -15.08 -25.23 10.10
C GLY A 265 -13.59 -25.43 10.33
N ALA A 266 -12.86 -24.33 10.59
CA ALA A 266 -11.46 -24.40 11.00
C ALA A 266 -11.38 -24.94 12.43
N GLN A 267 -10.20 -25.47 12.80
CA GLN A 267 -10.00 -26.12 14.09
C GLN A 267 -9.76 -25.08 15.18
N ASP A 268 -9.25 -23.90 14.79
CA ASP A 268 -9.03 -22.80 15.71
C ASP A 268 -9.28 -21.47 14.98
N ASP A 269 -9.03 -20.35 15.68
CA ASP A 269 -9.30 -19.02 15.16
C ASP A 269 -8.02 -18.35 14.67
N GLU A 270 -6.92 -19.10 14.59
CA GLU A 270 -5.63 -18.49 14.30
C GLU A 270 -5.57 -17.99 12.86
N GLY A 271 -6.21 -18.73 11.94
CA GLY A 271 -6.33 -18.32 10.55
C GLY A 271 -7.16 -17.04 10.40
N LEU A 272 -8.25 -16.97 11.18
CA LEU A 272 -9.16 -15.83 11.20
C LEU A 272 -8.39 -14.58 11.65
N LEU A 273 -7.61 -14.72 12.73
CA LEU A 273 -6.90 -13.60 13.32
C LEU A 273 -5.73 -13.18 12.42
N ASP A 274 -5.11 -14.16 11.73
CA ASP A 274 -4.12 -13.88 10.71
C ASP A 274 -4.66 -12.87 9.70
N ASN A 275 -5.88 -13.13 9.20
CA ASN A 275 -6.49 -12.27 8.19
C ASN A 275 -7.03 -10.99 8.81
N PHE A 276 -7.48 -11.06 10.07
CA PHE A 276 -7.90 -9.84 10.73
C PHE A 276 -6.75 -8.84 10.72
N VAL A 277 -5.58 -9.29 11.21
CA VAL A 277 -4.41 -8.42 11.34
C VAL A 277 -3.90 -8.01 9.96
N THR A 278 -3.87 -8.95 9.02
CA THR A 278 -3.46 -8.67 7.65
C THR A 278 -4.24 -7.49 7.09
N PHE A 279 -5.57 -7.55 7.20
CA PHE A 279 -6.42 -6.52 6.63
C PHE A 279 -6.36 -5.23 7.46
N PHE A 280 -6.24 -5.38 8.78
CA PHE A 280 -6.17 -4.22 9.65
C PHE A 280 -5.00 -3.34 9.24
N ILE A 281 -3.86 -3.99 8.93
CA ILE A 281 -2.63 -3.28 8.64
C ILE A 281 -2.54 -2.95 7.15
N ALA A 282 -2.66 -3.96 6.29
CA ALA A 282 -2.49 -3.76 4.86
C ALA A 282 -3.56 -2.80 4.33
N GLY A 283 -4.73 -2.81 4.96
CA GLY A 283 -5.88 -2.04 4.51
C GLY A 283 -5.75 -0.54 4.76
N HIS A 284 -4.73 -0.13 5.53
CA HIS A 284 -4.54 1.30 5.77
C HIS A 284 -3.12 1.79 5.45
N GLU A 285 -2.09 0.93 5.63
CA GLU A 285 -0.71 1.42 5.63
C GLU A 285 -0.29 1.95 4.26
N THR A 286 -0.45 1.13 3.22
CA THR A 286 -0.01 1.50 1.88
C THR A 286 -0.85 2.67 1.36
N SER A 287 -2.15 2.67 1.68
CA SER A 287 -3.02 3.76 1.26
C SER A 287 -2.52 5.08 1.85
N ALA A 288 -2.19 5.05 3.15
CA ALA A 288 -1.68 6.22 3.86
C ALA A 288 -0.36 6.68 3.25
N ASN A 289 0.54 5.73 2.96
CA ASN A 289 1.83 6.02 2.36
C ASN A 289 1.63 6.72 1.01
N HIS A 290 0.73 6.17 0.19
CA HIS A 290 0.44 6.68 -1.15
C HIS A 290 -0.11 8.11 -1.07
N LEU A 291 -1.03 8.35 -0.13
CA LEU A 291 -1.58 9.68 0.08
C LEU A 291 -0.48 10.66 0.49
N ALA A 292 0.38 10.25 1.43
CA ALA A 292 1.44 11.11 1.94
C ALA A 292 2.43 11.47 0.83
N PHE A 293 2.82 10.47 0.02
CA PHE A 293 3.74 10.71 -1.08
C PHE A 293 3.12 11.70 -2.07
N THR A 294 1.81 11.58 -2.32
CA THR A 294 1.15 12.38 -3.34
C THR A 294 1.10 13.84 -2.87
N VAL A 295 0.72 14.04 -1.61
CA VAL A 295 0.64 15.37 -1.03
C VAL A 295 2.03 16.01 -1.03
N MET A 296 3.05 15.22 -0.64
CA MET A 296 4.43 15.68 -0.60
C MET A 296 4.88 16.13 -1.99
N GLU A 297 4.65 15.29 -3.01
CA GLU A 297 5.11 15.62 -4.36
C GLU A 297 4.37 16.85 -4.89
N LEU A 298 3.06 16.91 -4.69
CA LEU A 298 2.26 17.99 -5.28
C LEU A 298 2.61 19.35 -4.68
N SER A 299 3.26 19.35 -3.50
CA SER A 299 3.66 20.59 -2.85
C SER A 299 4.69 21.35 -3.71
N ARG A 300 5.36 20.65 -4.64
CA ARG A 300 6.30 21.30 -5.53
C ARG A 300 5.84 21.24 -6.98
N GLN A 301 4.54 20.99 -7.19
CA GLN A 301 3.99 20.93 -8.54
C GLN A 301 2.81 21.91 -8.66
N PRO A 302 3.04 23.24 -8.55
CA PRO A 302 1.91 24.18 -8.49
C PRO A 302 1.00 24.15 -9.71
N GLU A 303 1.58 23.97 -10.90
CA GLU A 303 0.79 23.94 -12.13
C GLU A 303 -0.12 22.71 -12.15
N ILE A 304 0.42 21.55 -11.77
CA ILE A 304 -0.40 20.35 -11.67
C ILE A 304 -1.51 20.54 -10.63
N VAL A 305 -1.18 21.16 -9.49
CA VAL A 305 -2.18 21.38 -8.46
C VAL A 305 -3.30 22.27 -9.01
N ALA A 306 -2.93 23.33 -9.75
CA ALA A 306 -3.92 24.23 -10.32
C ALA A 306 -4.89 23.48 -11.23
N ARG A 307 -4.36 22.52 -12.01
CA ARG A 307 -5.16 21.74 -12.94
C ARG A 307 -6.09 20.79 -12.18
N LEU A 308 -5.59 20.23 -11.07
CA LEU A 308 -6.35 19.32 -10.23
C LEU A 308 -7.49 20.08 -9.55
N GLN A 309 -7.20 21.27 -9.04
CA GLN A 309 -8.20 22.12 -8.41
C GLN A 309 -9.31 22.41 -9.40
N ALA A 310 -8.91 22.76 -10.64
CA ALA A 310 -9.86 23.11 -11.67
C ALA A 310 -10.76 21.92 -12.02
N GLU A 311 -10.17 20.71 -12.03
CA GLU A 311 -10.91 19.51 -12.36
C GLU A 311 -11.99 19.24 -11.32
N VAL A 312 -11.60 19.27 -10.03
CA VAL A 312 -12.58 19.03 -8.97
C VAL A 312 -13.66 20.11 -9.00
N ASP A 313 -13.28 21.36 -9.27
CA ASP A 313 -14.21 22.47 -9.36
C ASP A 313 -15.27 22.19 -10.43
N GLU A 314 -14.84 21.61 -11.56
CA GLU A 314 -15.72 21.40 -12.70
C GLU A 314 -16.58 20.15 -12.50
N VAL A 315 -15.99 19.12 -11.88
CA VAL A 315 -16.63 17.82 -11.78
C VAL A 315 -17.62 17.81 -10.61
N ILE A 316 -17.16 18.20 -9.42
CA ILE A 316 -17.97 18.05 -8.21
C ILE A 316 -18.47 19.41 -7.72
N GLY A 317 -17.80 20.49 -8.14
CA GLY A 317 -18.15 21.84 -7.73
C GLY A 317 -17.88 22.07 -6.25
N SER A 318 -18.94 22.42 -5.51
CA SER A 318 -18.86 22.69 -4.09
C SER A 318 -19.53 21.58 -3.29
N LYS A 319 -20.06 20.56 -3.99
CA LYS A 319 -20.71 19.42 -3.38
C LYS A 319 -19.85 18.87 -2.24
N ARG A 320 -20.52 18.48 -1.15
CA ARG A 320 -19.86 17.99 0.04
C ARG A 320 -19.58 16.49 -0.10
N TYR A 321 -20.31 15.85 -1.03
CA TYR A 321 -20.27 14.39 -1.16
C TYR A 321 -19.94 14.01 -2.60
N LEU A 322 -18.97 13.10 -2.75
CA LEU A 322 -18.64 12.52 -4.04
C LEU A 322 -19.40 11.21 -4.22
N ASP A 323 -20.20 11.14 -5.29
CA ASP A 323 -20.87 9.92 -5.69
C ASP A 323 -19.87 9.03 -6.44
N PHE A 324 -20.20 7.75 -6.56
CA PHE A 324 -19.33 6.79 -7.23
C PHE A 324 -19.03 7.23 -8.67
N GLU A 325 -20.04 7.79 -9.35
CA GLU A 325 -19.90 8.15 -10.76
C GLU A 325 -18.96 9.34 -10.93
N ASP A 326 -18.82 10.17 -9.89
CA ASP A 326 -17.91 11.31 -9.92
C ASP A 326 -16.46 10.86 -10.02
N LEU A 327 -16.14 9.70 -9.41
CA LEU A 327 -14.77 9.23 -9.31
C LEU A 327 -14.17 9.01 -10.70
N GLY A 328 -14.96 8.41 -11.61
CA GLY A 328 -14.50 8.13 -12.97
C GLY A 328 -14.24 9.41 -13.76
N ARG A 329 -14.89 10.50 -13.35
CA ARG A 329 -14.82 11.77 -14.06
C ARG A 329 -13.56 12.54 -13.66
N LEU A 330 -12.91 12.12 -12.57
CA LEU A 330 -11.71 12.79 -12.09
C LEU A 330 -10.49 12.19 -12.80
N GLN A 331 -10.44 12.39 -14.12
CA GLN A 331 -9.50 11.71 -15.00
C GLN A 331 -8.07 12.17 -14.74
N TYR A 332 -7.87 13.48 -14.63
CA TYR A 332 -6.54 14.02 -14.42
C TYR A 332 -6.01 13.57 -13.06
N LEU A 333 -6.87 13.57 -12.03
CA LEU A 333 -6.48 13.09 -10.72
C LEU A 333 -6.02 11.63 -10.79
N SER A 334 -6.75 10.80 -11.56
CA SER A 334 -6.38 9.40 -11.70
CA SER A 334 -6.37 9.40 -11.68
CA SER A 334 -6.38 9.39 -11.73
C SER A 334 -4.96 9.29 -12.27
N GLN A 335 -4.63 10.15 -13.23
CA GLN A 335 -3.32 10.14 -13.87
C GLN A 335 -2.23 10.56 -12.90
N VAL A 336 -2.51 11.59 -12.09
CA VAL A 336 -1.56 12.07 -11.10
C VAL A 336 -1.26 10.96 -10.08
N LEU A 337 -2.29 10.23 -9.68
CA LEU A 337 -2.13 9.18 -8.69
C LEU A 337 -1.34 8.00 -9.29
N LYS A 338 -1.56 7.72 -10.58
CA LYS A 338 -0.76 6.69 -11.24
C LYS A 338 0.72 7.09 -11.27
N GLU A 339 0.99 8.36 -11.59
CA GLU A 339 2.35 8.85 -11.69
C GLU A 339 3.01 8.84 -10.32
N SER A 340 2.22 9.13 -9.27
CA SER A 340 2.71 9.07 -7.91
C SER A 340 3.19 7.64 -7.57
N LEU A 341 2.42 6.64 -7.99
CA LEU A 341 2.76 5.24 -7.70
C LEU A 341 3.95 4.77 -8.53
N ARG A 342 4.22 5.42 -9.68
CA ARG A 342 5.38 5.05 -10.48
C ARG A 342 6.66 5.40 -9.72
N LEU A 343 6.73 6.62 -9.19
CA LEU A 343 7.93 7.10 -8.50
C LEU A 343 7.94 6.65 -7.05
N TYR A 344 6.76 6.45 -6.45
CA TYR A 344 6.67 6.23 -5.02
C TYR A 344 5.71 5.08 -4.72
N PRO A 345 6.05 3.83 -5.13
CA PRO A 345 5.23 2.67 -4.80
C PRO A 345 5.48 2.27 -3.34
N PRO A 346 4.45 2.32 -2.44
CA PRO A 346 4.66 1.92 -1.04
C PRO A 346 5.09 0.47 -0.92
N ALA A 347 4.51 -0.40 -1.76
CA ALA A 347 4.85 -1.80 -1.82
C ALA A 347 5.68 -2.03 -3.09
N TRP A 348 7.00 -2.13 -2.92
CA TRP A 348 7.90 -1.88 -4.02
C TRP A 348 7.98 -3.06 -4.99
N GLY A 349 7.47 -4.23 -4.58
CA GLY A 349 7.59 -5.39 -5.45
C GLY A 349 7.17 -6.68 -4.75
N THR A 350 7.74 -7.80 -5.20
CA THR A 350 7.30 -9.12 -4.78
C THR A 350 8.41 -10.13 -5.06
N PHE A 351 8.26 -11.34 -4.50
CA PHE A 351 9.18 -12.43 -4.76
C PHE A 351 8.43 -13.65 -5.28
N ARG A 352 9.06 -14.36 -6.23
CA ARG A 352 8.61 -15.68 -6.66
C ARG A 352 9.77 -16.66 -6.51
N LEU A 353 9.42 -17.91 -6.19
CA LEU A 353 10.40 -18.98 -6.11
C LEU A 353 10.61 -19.57 -7.50
N LEU A 354 11.87 -19.56 -7.97
CA LEU A 354 12.24 -20.32 -9.16
C LEU A 354 12.63 -21.72 -8.70
N GLU A 355 11.88 -22.74 -9.16
CA GLU A 355 12.08 -24.10 -8.69
C GLU A 355 13.20 -24.80 -9.48
N GLU A 356 13.23 -24.58 -10.80
CA GLU A 356 14.18 -25.29 -11.65
C GLU A 356 15.14 -24.29 -12.28
N GLU A 357 16.38 -24.75 -12.52
CA GLU A 357 17.37 -23.92 -13.19
C GLU A 357 16.79 -23.44 -14.52
N THR A 358 16.95 -22.15 -14.81
CA THR A 358 16.30 -21.49 -15.91
C THR A 358 17.22 -20.41 -16.47
N LEU A 359 17.24 -20.26 -17.80
CA LEU A 359 17.94 -19.15 -18.43
C LEU A 359 17.02 -17.94 -18.43
N ILE A 360 17.46 -16.87 -17.76
CA ILE A 360 16.70 -15.62 -17.68
C ILE A 360 17.56 -14.53 -18.31
N ASP A 361 17.10 -14.00 -19.45
CA ASP A 361 17.80 -12.94 -20.18
C ASP A 361 19.29 -13.27 -20.32
N GLY A 362 19.57 -14.52 -20.70
CA GLY A 362 20.93 -14.92 -21.04
C GLY A 362 21.79 -15.29 -19.84
N VAL A 363 21.17 -15.33 -18.65
CA VAL A 363 21.86 -15.67 -17.41
C VAL A 363 21.30 -16.98 -16.87
N ARG A 364 22.20 -17.91 -16.52
CA ARG A 364 21.82 -19.17 -15.91
C ARG A 364 21.49 -18.94 -14.43
N VAL A 365 20.22 -19.12 -14.06
CA VAL A 365 19.80 -18.94 -12.68
C VAL A 365 19.47 -20.31 -12.07
N PRO A 366 20.18 -20.71 -11.01
CA PRO A 366 20.00 -22.04 -10.40
C PRO A 366 18.58 -22.24 -9.86
N GLY A 367 18.17 -23.51 -9.76
CA GLY A 367 16.91 -23.84 -9.14
C GLY A 367 16.92 -23.50 -7.65
N ASN A 368 15.72 -23.29 -7.09
CA ASN A 368 15.52 -22.93 -5.69
C ASN A 368 16.17 -21.57 -5.42
N THR A 369 15.67 -20.55 -6.12
CA THR A 369 16.21 -19.21 -6.01
C THR A 369 15.07 -18.21 -5.90
N PRO A 370 15.11 -17.27 -4.93
CA PRO A 370 14.11 -16.20 -4.87
C PRO A 370 14.37 -15.20 -5.99
N LEU A 371 13.35 -14.95 -6.80
CA LEU A 371 13.38 -13.91 -7.81
C LEU A 371 12.69 -12.67 -7.23
N LEU A 372 13.41 -11.53 -7.27
CA LEU A 372 12.92 -10.26 -6.75
C LEU A 372 12.45 -9.39 -7.91
N PHE A 373 11.21 -8.92 -7.84
CA PHE A 373 10.65 -7.99 -8.81
C PHE A 373 10.44 -6.64 -8.13
N SER A 374 10.76 -5.54 -8.83
CA SER A 374 10.64 -4.22 -8.24
C SER A 374 10.06 -3.21 -9.22
N THR A 375 8.85 -2.73 -8.92
CA THR A 375 8.23 -1.64 -9.68
C THR A 375 8.95 -0.32 -9.38
N TYR A 376 9.53 -0.21 -8.18
CA TYR A 376 10.32 0.95 -7.81
C TYR A 376 11.53 1.08 -8.73
N VAL A 377 12.28 -0.02 -8.89
CA VAL A 377 13.47 -0.02 -9.70
C VAL A 377 13.11 0.28 -11.17
N MET A 378 12.15 -0.46 -11.71
CA MET A 378 11.83 -0.34 -13.12
C MET A 378 11.27 1.05 -13.43
N GLY A 379 10.54 1.62 -12.46
CA GLY A 379 9.96 2.94 -12.61
C GLY A 379 11.01 4.04 -12.77
N ARG A 380 12.23 3.78 -12.29
CA ARG A 380 13.27 4.81 -12.26
C ARG A 380 14.38 4.52 -13.26
N MET A 381 14.15 3.55 -14.16
CA MET A 381 15.12 3.20 -15.17
C MET A 381 14.75 3.88 -16.48
N ASP A 382 15.72 4.60 -17.07
CA ASP A 382 15.47 5.36 -18.29
C ASP A 382 15.18 4.44 -19.47
N THR A 383 15.54 3.15 -19.35
CA THR A 383 15.26 2.20 -20.41
CA THR A 383 15.27 2.15 -20.36
C THR A 383 13.76 1.97 -20.51
N TYR A 384 13.02 2.20 -19.42
CA TYR A 384 11.59 1.93 -19.39
C TYR A 384 10.77 3.22 -19.40
N PHE A 385 11.31 4.27 -18.77
CA PHE A 385 10.61 5.54 -18.71
C PHE A 385 11.58 6.68 -19.03
N GLU A 386 11.28 7.41 -20.10
CA GLU A 386 12.05 8.60 -20.48
C GLU A 386 11.99 9.62 -19.35
N ASP A 387 13.16 10.23 -19.05
CA ASP A 387 13.30 11.22 -18.00
C ASP A 387 12.60 10.72 -16.73
N PRO A 388 13.08 9.59 -16.15
CA PRO A 388 12.32 8.89 -15.12
C PRO A 388 12.02 9.70 -13.85
N LEU A 389 12.87 10.68 -13.54
CA LEU A 389 12.69 11.44 -12.31
C LEU A 389 11.70 12.60 -12.50
N THR A 390 11.27 12.84 -13.76
CA THR A 390 10.29 13.88 -14.00
C THR A 390 8.90 13.36 -13.65
N PHE A 391 8.16 14.14 -12.84
CA PHE A 391 6.79 13.82 -12.49
C PHE A 391 5.88 14.34 -13.60
N ASN A 392 5.34 13.43 -14.42
CA ASN A 392 4.58 13.82 -15.59
C ASN A 392 3.32 12.97 -15.71
N PRO A 393 2.16 13.49 -15.22
CA PRO A 393 0.89 12.74 -15.29
C PRO A 393 0.46 12.36 -16.70
N ASP A 394 1.00 13.04 -17.72
CA ASP A 394 0.64 12.79 -19.11
C ASP A 394 1.10 11.41 -19.58
N ARG A 395 2.01 10.77 -18.84
CA ARG A 395 2.44 9.41 -19.14
C ARG A 395 1.22 8.47 -19.14
N PHE A 396 0.20 8.81 -18.35
CA PHE A 396 -0.97 7.98 -18.16
C PHE A 396 -2.19 8.56 -18.86
N GLY A 397 -1.96 9.53 -19.76
CA GLY A 397 -3.02 10.15 -20.54
C GLY A 397 -3.68 9.17 -21.52
N PRO A 398 -4.94 9.44 -21.94
CA PRO A 398 -5.69 8.54 -22.82
C PRO A 398 -4.97 8.10 -24.09
N GLY A 399 -4.21 9.03 -24.69
CA GLY A 399 -3.54 8.75 -25.96
C GLY A 399 -2.18 8.07 -25.80
N ALA A 400 -1.66 8.01 -24.57
CA ALA A 400 -0.29 7.58 -24.32
C ALA A 400 -0.18 6.06 -24.33
N PRO A 401 0.90 5.49 -24.94
CA PRO A 401 1.14 4.05 -24.89
C PRO A 401 1.28 3.60 -23.44
N LYS A 402 0.48 2.61 -23.05
CA LYS A 402 0.45 2.11 -21.68
C LYS A 402 1.74 1.34 -21.42
N PRO A 403 2.38 1.50 -20.23
CA PRO A 403 3.54 0.69 -19.87
C PRO A 403 3.22 -0.80 -19.94
N ARG A 404 4.13 -1.57 -20.56
CA ARG A 404 3.93 -3.00 -20.74
C ARG A 404 4.89 -3.76 -19.83
N PHE A 405 4.39 -4.15 -18.66
CA PHE A 405 5.12 -4.96 -17.69
C PHE A 405 6.30 -4.20 -17.09
N THR A 406 6.18 -2.87 -17.03
CA THR A 406 7.24 -2.05 -16.45
C THR A 406 6.71 -1.25 -15.26
N TYR A 407 5.43 -1.44 -14.93
CA TYR A 407 4.76 -0.64 -13.91
C TYR A 407 3.73 -1.50 -13.21
N PHE A 408 3.93 -1.75 -11.91
CA PHE A 408 3.05 -2.66 -11.20
C PHE A 408 2.96 -2.31 -9.72
N PRO A 409 2.42 -1.13 -9.34
CA PRO A 409 2.33 -0.74 -7.93
C PRO A 409 1.33 -1.57 -7.12
N PHE A 410 0.49 -2.34 -7.83
CA PHE A 410 -0.44 -3.27 -7.18
C PHE A 410 -0.05 -4.71 -7.53
N SER A 411 1.17 -4.90 -8.02
CA SER A 411 1.65 -6.16 -8.59
C SER A 411 0.78 -6.57 -9.78
N LEU A 412 1.00 -7.79 -10.27
CA LEU A 412 0.32 -8.33 -11.44
C LEU A 412 0.02 -9.81 -11.21
N GLY A 413 -0.97 -10.32 -11.95
CA GLY A 413 -1.25 -11.75 -11.94
C GLY A 413 -2.09 -12.15 -10.74
N HIS A 414 -2.05 -13.44 -10.40
CA HIS A 414 -2.99 -14.01 -9.45
C HIS A 414 -2.77 -13.42 -8.06
N ARG A 415 -1.51 -13.02 -7.76
CA ARG A 415 -1.18 -12.46 -6.46
C ARG A 415 -1.18 -10.93 -6.48
N SER A 416 -1.97 -10.32 -7.36
CA SER A 416 -2.10 -8.88 -7.34
C SER A 416 -2.96 -8.44 -6.15
N CYS A 417 -2.87 -7.16 -5.80
CA CYS A 417 -3.53 -6.61 -4.62
C CYS A 417 -5.04 -6.76 -4.71
N ILE A 418 -5.63 -7.44 -3.71
CA ILE A 418 -7.07 -7.63 -3.68
C ILE A 418 -7.75 -6.28 -3.40
N GLY A 419 -7.01 -5.37 -2.76
CA GLY A 419 -7.58 -4.10 -2.34
C GLY A 419 -7.34 -2.94 -3.30
N GLN A 420 -6.95 -3.25 -4.56
CA GLN A 420 -6.55 -2.21 -5.50
C GLN A 420 -7.67 -1.18 -5.73
N GLN A 421 -8.87 -1.67 -6.04
CA GLN A 421 -9.99 -0.79 -6.37
C GLN A 421 -10.47 -0.07 -5.11
N PHE A 422 -10.50 -0.77 -3.97
CA PHE A 422 -10.78 -0.18 -2.67
C PHE A 422 -9.85 1.01 -2.44
N ALA A 423 -8.55 0.79 -2.65
CA ALA A 423 -7.53 1.80 -2.40
C ALA A 423 -7.70 2.98 -3.35
N GLN A 424 -7.91 2.70 -4.64
CA GLN A 424 -8.01 3.74 -5.65
C GLN A 424 -9.22 4.63 -5.36
N MET A 425 -10.32 4.02 -4.92
CA MET A 425 -11.52 4.78 -4.59
C MET A 425 -11.28 5.69 -3.39
N GLU A 426 -10.73 5.12 -2.30
CA GLU A 426 -10.63 5.89 -1.07
C GLU A 426 -9.63 7.04 -1.24
N VAL A 427 -8.55 6.80 -1.99
CA VAL A 427 -7.53 7.84 -2.13
CA VAL A 427 -7.51 7.82 -2.17
C VAL A 427 -8.07 8.96 -3.02
N LYS A 428 -8.88 8.62 -4.04
CA LYS A 428 -9.48 9.64 -4.88
C LYS A 428 -10.44 10.52 -4.08
N VAL A 429 -11.23 9.91 -3.19
CA VAL A 429 -12.15 10.64 -2.35
C VAL A 429 -11.38 11.60 -1.44
N VAL A 430 -10.32 11.11 -0.79
CA VAL A 430 -9.55 11.93 0.13
C VAL A 430 -8.90 13.08 -0.63
N MET A 431 -8.28 12.77 -1.77
CA MET A 431 -7.51 13.78 -2.51
C MET A 431 -8.46 14.84 -3.07
N ALA A 432 -9.62 14.41 -3.59
CA ALA A 432 -10.58 15.34 -4.18
C ALA A 432 -11.05 16.36 -3.14
N LYS A 433 -11.30 15.89 -1.91
CA LYS A 433 -11.83 16.78 -0.88
C LYS A 433 -10.75 17.76 -0.42
N LEU A 434 -9.50 17.31 -0.34
CA LEU A 434 -8.39 18.20 0.01
C LEU A 434 -8.26 19.30 -1.05
N LEU A 435 -8.34 18.90 -2.33
CA LEU A 435 -8.15 19.80 -3.46
C LEU A 435 -9.29 20.80 -3.55
N GLN A 436 -10.49 20.36 -3.16
CA GLN A 436 -11.68 21.19 -3.15
C GLN A 436 -11.49 22.36 -2.18
N ARG A 437 -10.87 22.09 -1.04
CA ARG A 437 -11.07 22.94 0.13
C ARG A 437 -9.80 23.66 0.59
N LEU A 438 -8.62 23.11 0.26
CA LEU A 438 -7.40 23.56 0.93
C LEU A 438 -6.24 23.78 -0.05
N GLU A 439 -5.33 24.68 0.35
CA GLU A 439 -4.04 24.90 -0.26
C GLU A 439 -2.95 24.50 0.74
N PHE A 440 -1.92 23.80 0.27
CA PHE A 440 -0.86 23.30 1.12
C PHE A 440 0.49 23.86 0.68
N ARG A 441 1.30 24.29 1.65
CA ARG A 441 2.68 24.66 1.43
C ARG A 441 3.56 23.80 2.34
N LEU A 442 4.54 23.12 1.74
CA LEU A 442 5.46 22.31 2.52
C LEU A 442 6.36 23.24 3.33
N VAL A 443 6.51 22.96 4.62
CA VAL A 443 7.37 23.76 5.48
C VAL A 443 8.81 23.63 4.98
N PRO A 444 9.54 24.75 4.77
CA PRO A 444 10.93 24.69 4.33
C PRO A 444 11.79 23.85 5.27
N GLY A 445 12.67 23.04 4.68
CA GLY A 445 13.48 22.11 5.45
C GLY A 445 12.91 20.69 5.36
N GLN A 446 11.61 20.57 5.07
CA GLN A 446 11.02 19.26 4.86
C GLN A 446 11.62 18.63 3.60
N ARG A 447 11.90 17.33 3.69
CA ARG A 447 12.60 16.63 2.63
C ARG A 447 11.62 15.81 1.79
N PHE A 448 12.09 15.39 0.61
CA PHE A 448 11.31 14.59 -0.32
C PHE A 448 11.84 13.16 -0.36
N GLY A 449 12.76 12.84 0.57
CA GLY A 449 13.40 11.54 0.64
C GLY A 449 12.47 10.45 1.14
N LEU A 450 12.90 9.20 0.97
CA LEU A 450 12.10 8.05 1.36
C LEU A 450 12.73 7.38 2.58
N GLN A 451 11.90 6.64 3.32
CA GLN A 451 12.40 5.64 4.24
C GLN A 451 11.74 4.31 3.90
N GLU A 452 12.42 3.21 4.25
CA GLU A 452 11.94 1.87 3.97
C GLU A 452 11.71 1.17 5.31
N GLN A 453 10.43 0.97 5.68
CA GLN A 453 10.06 0.36 6.95
C GLN A 453 8.95 -0.67 6.72
N ALA A 454 9.30 -1.75 6.02
CA ALA A 454 8.37 -2.76 5.52
C ALA A 454 7.71 -2.26 4.23
N THR A 455 7.18 -1.03 4.26
CA THR A 455 6.75 -0.34 3.06
C THR A 455 7.58 0.93 2.89
N LEU A 456 7.54 1.51 1.69
CA LEU A 456 8.20 2.79 1.42
C LEU A 456 7.25 3.91 1.81
N LYS A 457 7.80 4.96 2.42
CA LYS A 457 7.01 6.10 2.85
C LYS A 457 7.91 7.33 2.95
N PRO A 458 7.37 8.56 2.97
CA PRO A 458 8.21 9.74 3.14
C PRO A 458 9.05 9.65 4.41
N LEU A 459 10.31 10.08 4.31
CA LEU A 459 11.22 10.11 5.45
C LEU A 459 10.71 11.11 6.49
N ASP A 460 10.21 12.25 6.02
CA ASP A 460 9.75 13.33 6.88
C ASP A 460 8.23 13.27 7.05
N PRO A 461 7.68 13.98 8.06
CA PRO A 461 6.24 13.96 8.34
C PRO A 461 5.33 14.70 7.36
N VAL A 462 5.89 15.20 6.25
CA VAL A 462 5.16 16.00 5.27
C VAL A 462 4.47 17.15 6.01
N LEU A 463 5.29 17.90 6.76
CA LEU A 463 4.86 19.08 7.51
C LEU A 463 4.47 20.19 6.54
N CYS A 464 3.22 20.67 6.67
CA CYS A 464 2.69 21.70 5.79
C CYS A 464 2.02 22.79 6.60
N THR A 465 1.93 23.99 6.01
CA THR A 465 0.97 24.99 6.44
C THR A 465 -0.17 24.99 5.42
N LEU A 466 -1.35 25.44 5.86
CA LEU A 466 -2.58 25.30 5.08
C LEU A 466 -3.27 26.66 5.00
N ARG A 467 -3.96 26.90 3.87
CA ARG A 467 -4.89 28.00 3.73
C ARG A 467 -6.16 27.48 3.10
N PRO A 468 -7.34 28.09 3.35
CA PRO A 468 -8.55 27.71 2.62
C PRO A 468 -8.37 28.12 1.16
N ARG A 469 -8.98 27.37 0.25
CA ARG A 469 -8.95 27.77 -1.15
C ARG A 469 -9.74 29.05 -1.35
N GLY A 470 -9.20 29.93 -2.20
CA GLY A 470 -9.73 31.26 -2.42
C GLY A 470 -8.98 32.31 -1.61
N TRP A 471 -7.78 31.94 -1.14
CA TRP A 471 -6.94 32.86 -0.38
C TRP A 471 -5.84 33.44 -1.28
CHA HEM B . -1.27 -7.35 -2.10
CHB HEM B . 0.02 -2.75 -3.10
CHC HEM B . -3.95 -1.17 -0.72
CHD HEM B . -4.73 -5.68 0.87
C1A HEM B . -0.59 -6.23 -2.56
C2A HEM B . 0.60 -6.29 -3.33
C3A HEM B . 0.97 -5.00 -3.62
C4A HEM B . 0.00 -4.14 -3.04
CMA HEM B . 2.17 -4.55 -4.43
CAA HEM B . 1.36 -7.55 -3.70
CBA HEM B . 2.21 -7.87 -2.46
CGA HEM B . 3.14 -9.06 -2.59
O1A HEM B . 3.85 -9.41 -1.60
O2A HEM B . 3.23 -9.71 -3.66
C1B HEM B . -0.96 -1.93 -2.53
C2B HEM B . -0.98 -0.51 -2.65
C3B HEM B . -2.09 -0.05 -1.99
C4B HEM B . -2.76 -1.24 -1.45
CMB HEM B . 0.06 0.32 -3.38
CAB HEM B . -2.60 1.34 -1.79
CBB HEM B . -2.32 2.34 -2.63
C1C HEM B . -4.55 -2.26 -0.12
C2C HEM B . -5.78 -2.25 0.55
C3C HEM B . -6.01 -3.54 1.01
C4C HEM B . -4.89 -4.34 0.60
CMC HEM B . -6.66 -1.03 0.70
CAC HEM B . -7.17 -4.07 1.77
CBC HEM B . -8.30 -3.39 1.97
C1D HEM B . -3.84 -6.47 0.15
C2D HEM B . -3.85 -7.94 0.31
C3D HEM B . -2.90 -8.42 -0.51
C4D HEM B . -2.31 -7.22 -1.17
CMD HEM B . -4.75 -8.75 1.24
CAD HEM B . -2.54 -9.87 -0.74
CBD HEM B . -3.38 -10.30 -1.97
CGD HEM B . -3.19 -11.75 -2.38
O1D HEM B . -4.20 -12.43 -2.72
O2D HEM B . -2.05 -12.25 -2.43
NA HEM B . -0.95 -4.90 -2.41
NB HEM B . -2.03 -2.31 -1.81
NC HEM B . -4.03 -3.53 -0.11
ND HEM B . -2.90 -6.08 -0.76
FE HEM B . -2.49 -4.28 -1.30
C5 A1BZA C . 2.83 -4.19 4.73
C6 A1BZA C . 3.85 -5.00 4.27
C7 A1BZA C . 3.79 -5.59 3.00
C13 A1BZA C . 8.31 -9.66 2.62
C15 A1BZA C . 7.99 -8.45 0.55
C17 A1BZA C . 7.14 -7.57 1.18
C20 A1BZA C . 1.72 -3.96 3.93
C21 A1BZA C . 0.43 -4.25 1.84
C22 A1BZA C . 0.03 -4.76 0.64
C24 A1BZA C . -1.48 -3.33 1.27
F1 A1BZA C . 1.96 -2.57 6.27
C2 A1BZA C . 2.91 -3.56 6.10
F3 A1BZA C . 2.66 -4.55 7.04
F4 A1BZA C . 4.15 -2.99 6.34
N8 A1BZA C . 4.81 -6.45 2.54
C9 A1BZA C . 5.95 -6.77 3.20
O10 A1BZA C . 6.27 -6.31 4.28
C11 A1BZA C . 6.87 -7.72 2.53
C12 A1BZA C . 7.46 -8.77 3.27
C14 A1BZA C . 8.58 -9.49 1.26
CL1 A1BZA C . 8.30 -8.20 -1.13
C18 A1BZA C . 2.67 -5.37 2.20
C19 A1BZA C . 1.64 -4.54 2.65
N23 A1BZA C . -1.14 -4.17 0.33
O25 A1BZA C . -0.52 -3.36 2.22
#